data_6U05
#
_entry.id   6U05
#
_cell.length_a   77.747
_cell.length_b   44.690
_cell.length_c   79.500
_cell.angle_alpha   90.000
_cell.angle_beta   93.530
_cell.angle_gamma   90.000
#
_symmetry.space_group_name_H-M   'P 1 21 1'
#
loop_
_entity.id
_entity.type
_entity.pdbx_description
1 polymer 'tRNA ligase'
2 non-polymer "GUANOSINE-5'-DIPHOSPHATE"
3 non-polymer 'MAGNESIUM ION'
4 non-polymer 'PHOSPHATE ION'
5 water water
#
_entity_poly.entity_id   1
_entity_poly.type   'polypeptide(L)'
_entity_poly.pdbx_seq_one_letter_code
;ANGNEGLSTTTKYIFVPIATIGCGKTTVFNTLNNLFPQWTHIQNDNISKKAKLKICDLTLLALEDDDQSVVLFDRNNSAS
RERRQIFTTIDQKRDEHLDDTVDLKYIAINFIPEDLSEEELWDITYNRVIQRGDNHQSIKSQLDENLVESVMKGFIQRYQ
PINTSRSPDDQFDHVIHLKLSKDENSLKSSLENVRIIIDDLVQNFPDLIKEKPADELINECFQKALDYKPTFVKNMTANT
IKKDPTYYGIAMHYSSILENLEIVSHNEHFQNIKSHIQTEFHVTLGHIASSKQDKAGRVKWKKLVKTLGKGDPNKPKSAL
KFFADVKLLQIVINTDKLACIKVEILKIYDTNDVLQSEIEPINKQLHITIGCIPPATAVESNITLEELYDNPDEQELKPD
GTYKCGDDTLHVFNFDNPDLKLFSQQLFVAYQ
;
_entity_poly.pdbx_strand_id   A
#
loop_
_chem_comp.id
_chem_comp.type
_chem_comp.name
_chem_comp.formula
GDP RNA linking GUANOSINE-5'-DIPHOSPHATE 'C10 H15 N5 O11 P2'
MG non-polymer 'MAGNESIUM ION' 'Mg 2'
PO4 non-polymer 'PHOSPHATE ION' 'O4 P -3'
#
# COMPACT_ATOMS: atom_id res chain seq x y z
N THR A 9 -26.82 34.43 -18.66
CA THR A 9 -26.67 33.02 -19.04
C THR A 9 -26.31 32.17 -17.82
N THR A 10 -25.69 31.01 -18.06
CA THR A 10 -25.56 29.98 -17.04
C THR A 10 -24.47 30.29 -16.02
N THR A 11 -24.79 30.04 -14.75
CA THR A 11 -23.81 30.13 -13.67
C THR A 11 -23.71 28.78 -12.95
N LYS A 12 -22.47 28.32 -12.74
CA LYS A 12 -22.15 27.11 -12.00
C LYS A 12 -21.41 27.48 -10.72
N TYR A 13 -21.45 26.56 -9.74
CA TYR A 13 -20.95 26.81 -8.40
C TYR A 13 -20.12 25.65 -7.89
N ILE A 14 -19.01 25.97 -7.23
CA ILE A 14 -18.18 24.99 -6.53
C ILE A 14 -18.06 25.45 -5.09
N PHE A 15 -18.57 24.66 -4.15
CA PHE A 15 -18.48 24.99 -2.74
C PHE A 15 -17.21 24.34 -2.16
N VAL A 16 -16.31 25.16 -1.64
CA VAL A 16 -14.97 24.73 -1.25
C VAL A 16 -14.81 24.88 0.26
N PRO A 17 -14.69 23.78 0.99
CA PRO A 17 -14.36 23.86 2.42
C PRO A 17 -12.93 24.31 2.65
N ILE A 18 -12.73 25.03 3.74
CA ILE A 18 -11.43 25.22 4.35
C ILE A 18 -11.58 24.67 5.76
N ALA A 19 -10.91 23.57 6.05
CA ALA A 19 -11.25 22.79 7.22
C ALA A 19 -10.13 21.83 7.58
N THR A 20 -10.28 21.17 8.72
CA THR A 20 -9.53 19.98 9.08
C THR A 20 -10.53 18.84 9.28
N ILE A 21 -10.00 17.67 9.65
CA ILE A 21 -10.86 16.49 9.77
C ILE A 21 -11.84 16.66 10.91
N GLY A 22 -13.10 16.26 10.67
CA GLY A 22 -14.07 16.20 11.74
C GLY A 22 -14.78 17.50 12.03
N CYS A 23 -14.59 18.51 11.19
CA CYS A 23 -15.26 19.79 11.32
C CYS A 23 -16.72 19.71 10.91
N GLY A 24 -17.17 18.59 10.35
CA GLY A 24 -18.53 18.47 9.88
C GLY A 24 -18.74 18.69 8.40
N LYS A 25 -17.67 18.70 7.59
CA LYS A 25 -17.80 18.90 6.16
C LYS A 25 -18.80 17.93 5.54
N THR A 26 -18.60 16.64 5.77
CA THR A 26 -19.44 15.67 5.08
C THR A 26 -20.86 15.70 5.60
N THR A 27 -21.02 15.91 6.92
CA THR A 27 -22.34 16.06 7.50
C THR A 27 -23.09 17.25 6.90
N VAL A 28 -22.43 18.40 6.82
CA VAL A 28 -23.07 19.60 6.27
C VAL A 28 -23.41 19.37 4.80
N PHE A 29 -22.44 18.86 4.05
CA PHE A 29 -22.68 18.63 2.62
C PHE A 29 -23.77 17.57 2.39
N ASN A 30 -23.80 16.52 3.23
CA ASN A 30 -24.85 15.50 3.09
C ASN A 30 -26.22 16.07 3.43
N THR A 31 -26.31 16.96 4.41
CA THR A 31 -27.60 17.61 4.70
C THR A 31 -28.08 18.41 3.50
N LEU A 32 -27.21 19.24 2.94
CA LEU A 32 -27.61 20.06 1.82
C LEU A 32 -28.04 19.20 0.64
N ASN A 33 -27.28 18.15 0.34
CA ASN A 33 -27.63 17.28 -0.78
C ASN A 33 -28.95 16.54 -0.54
N ASN A 34 -29.25 16.22 0.72
CA ASN A 34 -30.56 15.65 1.03
C ASN A 34 -31.67 16.63 0.67
N LEU A 35 -31.43 17.92 0.88
CA LEU A 35 -32.43 18.93 0.57
C LEU A 35 -32.45 19.27 -0.91
N PHE A 36 -31.29 19.22 -1.56
CA PHE A 36 -31.15 19.61 -2.96
C PHE A 36 -30.47 18.46 -3.70
N PRO A 37 -31.24 17.45 -4.09
CA PRO A 37 -30.64 16.24 -4.68
C PRO A 37 -29.95 16.51 -6.01
N GLN A 38 -30.25 17.63 -6.67
CA GLN A 38 -29.61 17.90 -7.96
C GLN A 38 -28.17 18.35 -7.77
N TRP A 39 -27.83 18.91 -6.62
CA TRP A 39 -26.43 19.20 -6.34
C TRP A 39 -25.64 17.89 -6.35
N THR A 40 -24.36 17.99 -6.68
CA THR A 40 -23.46 16.85 -6.70
C THR A 40 -22.45 16.97 -5.56
N HIS A 41 -22.32 15.90 -4.77
CA HIS A 41 -21.44 15.85 -3.60
C HIS A 41 -20.30 14.89 -3.90
N ILE A 42 -19.10 15.42 -4.11
CA ILE A 42 -17.94 14.62 -4.46
C ILE A 42 -17.05 14.54 -3.24
N GLN A 43 -16.82 13.32 -2.74
CA GLN A 43 -16.04 13.12 -1.52
C GLN A 43 -14.65 12.63 -1.87
N ASN A 44 -13.64 13.45 -1.54
CA ASN A 44 -12.25 13.07 -1.81
C ASN A 44 -11.87 11.80 -1.07
N ASP A 45 -12.49 11.55 0.09
CA ASP A 45 -12.20 10.32 0.83
C ASP A 45 -12.54 9.09 0.04
N ASN A 46 -13.52 9.19 -0.87
CA ASN A 46 -14.00 8.03 -1.64
C ASN A 46 -13.41 7.99 -3.04
N ILE A 47 -12.33 8.71 -3.27
CA ILE A 47 -11.58 8.63 -4.52
C ILE A 47 -10.28 7.90 -4.23
N SER A 48 -9.98 6.87 -5.01
CA SER A 48 -8.72 6.16 -4.86
C SER A 48 -7.54 7.13 -4.94
N LYS A 49 -6.50 6.86 -4.16
CA LYS A 49 -5.27 7.61 -4.27
C LYS A 49 -4.67 7.50 -5.67
N LYS A 50 -4.93 6.39 -6.36
CA LYS A 50 -4.39 6.17 -7.69
C LYS A 50 -5.41 6.37 -8.80
N ALA A 51 -6.47 7.13 -8.54
CA ALA A 51 -7.47 7.36 -9.56
C ALA A 51 -6.93 8.23 -10.68
N LYS A 52 -7.24 7.85 -11.92
CA LYS A 52 -6.89 8.68 -13.06
C LYS A 52 -7.64 10.01 -13.03
N LEU A 53 -8.94 9.96 -12.72
CA LEU A 53 -9.76 11.17 -12.66
C LEU A 53 -9.91 11.57 -11.20
N LYS A 54 -9.26 12.66 -10.82
CA LYS A 54 -9.27 13.12 -9.43
C LYS A 54 -10.40 14.14 -9.23
N ILE A 55 -10.49 14.72 -8.02
CA ILE A 55 -11.70 15.43 -7.66
C ILE A 55 -11.94 16.63 -8.57
N CYS A 56 -10.87 17.29 -8.99
CA CYS A 56 -11.07 18.41 -9.91
C CYS A 56 -11.61 17.91 -11.24
N ASP A 57 -11.15 16.74 -11.72
CA ASP A 57 -11.68 16.12 -12.94
C ASP A 57 -13.15 15.73 -12.78
N LEU A 58 -13.50 15.12 -11.64
CA LEU A 58 -14.88 14.74 -11.42
C LEU A 58 -15.78 15.94 -11.20
N THR A 59 -15.24 17.00 -10.59
CA THR A 59 -15.98 18.24 -10.43
C THR A 59 -16.37 18.82 -11.78
N LEU A 60 -15.42 18.91 -12.72
CA LEU A 60 -15.75 19.43 -14.04
C LEU A 60 -16.73 18.52 -14.78
N LEU A 61 -16.57 17.19 -14.65
CA LEU A 61 -17.53 16.28 -15.28
C LEU A 61 -18.94 16.49 -14.75
N ALA A 62 -19.06 16.71 -13.44
CA ALA A 62 -20.33 16.95 -12.76
C ALA A 62 -20.86 18.37 -12.95
N LEU A 63 -20.24 19.17 -13.82
CA LEU A 63 -20.76 20.48 -14.15
C LEU A 63 -21.06 20.63 -15.64
N GLU A 64 -20.79 19.60 -16.45
CA GLU A 64 -20.91 19.71 -17.90
C GLU A 64 -22.36 19.87 -18.33
N ASP A 65 -23.24 19.00 -17.83
CA ASP A 65 -24.63 19.04 -18.25
C ASP A 65 -25.32 20.27 -17.67
N ASP A 66 -26.30 20.81 -18.40
CA ASP A 66 -26.91 22.07 -17.99
C ASP A 66 -27.52 21.97 -16.59
N ASP A 67 -28.28 20.90 -16.35
CA ASP A 67 -28.97 20.66 -15.09
C ASP A 67 -28.04 20.56 -13.88
N GLN A 68 -26.72 20.48 -14.11
CA GLN A 68 -25.76 20.39 -13.01
C GLN A 68 -25.14 21.78 -12.78
N SER A 69 -25.50 22.42 -11.67
CA SER A 69 -25.03 23.76 -11.35
C SER A 69 -24.12 23.84 -10.15
N VAL A 70 -24.11 22.81 -9.29
CA VAL A 70 -23.44 22.89 -8.00
C VAL A 70 -22.64 21.63 -7.78
N VAL A 71 -21.39 21.80 -7.35
CA VAL A 71 -20.60 20.71 -6.80
C VAL A 71 -20.25 21.06 -5.36
N LEU A 72 -20.56 20.15 -4.44
CA LEU A 72 -20.04 20.23 -3.08
C LEU A 72 -18.69 19.50 -3.07
N PHE A 73 -17.61 20.27 -2.97
CA PHE A 73 -16.25 19.79 -3.20
C PHE A 73 -15.72 19.33 -1.84
N ASP A 74 -15.88 18.05 -1.52
CA ASP A 74 -15.69 17.59 -0.15
C ASP A 74 -14.23 17.17 0.07
N ARG A 75 -13.42 18.17 0.43
CA ARG A 75 -11.99 18.01 0.71
C ARG A 75 -11.61 19.06 1.74
N ASN A 76 -10.57 18.77 2.54
CA ASN A 76 -10.21 19.66 3.65
C ASN A 76 -9.63 20.98 3.16
N ASN A 77 -8.70 20.93 2.20
CA ASN A 77 -8.00 22.11 1.71
C ASN A 77 -7.39 22.89 2.87
N SER A 78 -6.73 22.16 3.76
CA SER A 78 -6.22 22.77 4.98
C SER A 78 -5.16 23.81 4.68
N ALA A 79 -4.30 23.55 3.69
CA ALA A 79 -3.21 24.44 3.35
C ALA A 79 -3.59 25.37 2.19
N SER A 80 -3.01 26.58 2.23
CA SER A 80 -3.26 27.56 1.18
C SER A 80 -2.92 27.00 -0.21
N ARG A 81 -1.91 26.13 -0.30
CA ARG A 81 -1.53 25.59 -1.60
C ARG A 81 -2.62 24.70 -2.19
N GLU A 82 -3.44 24.10 -1.33
CA GLU A 82 -4.51 23.22 -1.82
C GLU A 82 -5.67 24.00 -2.39
N ARG A 83 -5.91 25.22 -1.91
CA ARG A 83 -6.85 26.11 -2.58
C ARG A 83 -6.30 26.61 -3.90
N ARG A 84 -5.01 26.96 -3.93
CA ARG A 84 -4.36 27.35 -5.19
C ARG A 84 -4.46 26.22 -6.22
N GLN A 85 -4.33 24.97 -5.77
CA GLN A 85 -4.38 23.84 -6.71
C GLN A 85 -5.76 23.74 -7.37
N ILE A 86 -6.82 24.06 -6.63
CA ILE A 86 -8.15 24.01 -7.20
C ILE A 86 -8.26 25.00 -8.36
N PHE A 87 -7.87 26.25 -8.12
CA PHE A 87 -7.99 27.28 -9.16
C PHE A 87 -7.16 26.92 -10.38
N THR A 88 -5.88 26.58 -10.17
CA THR A 88 -5.00 26.36 -11.31
C THR A 88 -5.38 25.11 -12.08
N THR A 89 -5.83 24.06 -11.37
CA THR A 89 -6.22 22.84 -12.08
C THR A 89 -7.51 23.05 -12.86
N ILE A 90 -8.52 23.64 -12.21
CA ILE A 90 -9.77 23.85 -12.93
C ILE A 90 -9.61 24.93 -14.00
N ASP A 91 -8.75 25.92 -13.79
CA ASP A 91 -8.47 26.88 -14.85
C ASP A 91 -7.98 26.17 -16.11
N GLN A 92 -7.12 25.16 -15.95
CA GLN A 92 -6.47 24.52 -17.09
C GLN A 92 -7.38 23.55 -17.84
N LYS A 93 -8.35 22.95 -17.16
CA LYS A 93 -9.19 21.91 -17.75
C LYS A 93 -10.59 22.41 -18.10
N ARG A 94 -10.93 23.62 -17.67
CA ARG A 94 -12.28 24.13 -17.75
C ARG A 94 -12.82 24.15 -19.18
N ASP A 95 -11.99 24.59 -20.14
CA ASP A 95 -12.48 24.73 -21.50
C ASP A 95 -12.77 23.40 -22.19
N GLU A 96 -12.29 22.28 -21.64
CA GLU A 96 -12.66 20.99 -22.21
C GLU A 96 -14.05 20.55 -21.77
N HIS A 97 -14.66 21.22 -20.80
CA HIS A 97 -15.89 20.76 -20.17
C HIS A 97 -17.01 21.78 -20.18
N LEU A 98 -16.68 23.07 -20.14
CA LEU A 98 -17.68 24.13 -20.10
C LEU A 98 -17.49 25.14 -21.23
N ASP A 99 -18.62 25.65 -21.73
CA ASP A 99 -18.58 26.75 -22.68
C ASP A 99 -17.90 27.97 -22.06
N ASP A 100 -17.22 28.72 -22.92
CA ASP A 100 -16.47 29.93 -22.59
C ASP A 100 -17.33 31.01 -21.95
N THR A 101 -18.65 30.92 -22.07
CA THR A 101 -19.56 31.93 -21.58
C THR A 101 -19.99 31.71 -20.13
N VAL A 102 -19.46 30.70 -19.45
CA VAL A 102 -19.94 30.27 -18.14
C VAL A 102 -19.02 30.74 -17.02
N ASP A 103 -19.60 31.19 -15.91
CA ASP A 103 -18.96 31.13 -14.60
C ASP A 103 -19.80 30.18 -13.78
N LEU A 104 -19.25 29.29 -12.95
CA LEU A 104 -18.00 29.21 -12.20
C LEU A 104 -17.73 30.32 -11.17
N LYS A 105 -18.58 30.28 -10.15
CA LYS A 105 -18.33 30.93 -8.87
C LYS A 105 -17.79 29.90 -7.88
N TYR A 106 -16.72 30.27 -7.18
CA TYR A 106 -16.15 29.46 -6.14
C TYR A 106 -16.60 30.06 -4.81
N ILE A 107 -17.28 29.28 -4.00
CA ILE A 107 -17.78 29.76 -2.73
C ILE A 107 -17.02 29.02 -1.63
N ALA A 108 -16.20 29.77 -0.88
CA ALA A 108 -15.43 29.18 0.19
C ALA A 108 -16.34 28.99 1.38
N ILE A 109 -16.25 27.82 2.01
CA ILE A 109 -17.03 27.53 3.21
C ILE A 109 -16.02 27.32 4.34
N ASN A 110 -15.90 28.31 5.19
CA ASN A 110 -14.86 28.31 6.20
C ASN A 110 -15.39 27.63 7.47
N PHE A 111 -14.85 26.44 7.78
CA PHE A 111 -15.32 25.64 8.90
C PHE A 111 -14.65 25.98 10.22
N ILE A 112 -13.54 26.70 10.22
CA ILE A 112 -12.77 26.98 11.43
C ILE A 112 -12.77 28.47 11.70
N PRO A 113 -13.53 28.95 12.70
CA PRO A 113 -13.56 30.38 13.01
C PRO A 113 -12.17 30.91 13.29
N GLU A 114 -11.94 32.17 12.89
CA GLU A 114 -10.57 32.67 12.91
C GLU A 114 -10.02 32.84 14.31
N ASP A 115 -10.90 32.91 15.32
CA ASP A 115 -10.47 33.03 16.71
C ASP A 115 -10.53 31.72 17.47
N LEU A 116 -10.82 30.60 16.80
CA LEU A 116 -10.80 29.31 17.49
C LEU A 116 -9.37 28.95 17.87
N SER A 117 -9.19 28.53 19.11
CA SER A 117 -7.90 28.07 19.58
C SER A 117 -7.53 26.77 18.88
N GLU A 118 -6.22 26.55 18.71
CA GLU A 118 -5.79 25.26 18.17
C GLU A 118 -6.16 24.13 19.12
N GLU A 119 -6.15 24.38 20.43
CA GLU A 119 -6.45 23.31 21.37
C GLU A 119 -7.94 23.05 21.48
N GLU A 120 -8.78 24.07 21.28
CA GLU A 120 -10.21 23.81 21.23
C GLU A 120 -10.58 23.16 19.89
N LEU A 121 -9.95 23.58 18.79
CA LEU A 121 -10.15 22.90 17.51
C LEU A 121 -9.89 21.42 17.65
N TRP A 122 -8.78 21.06 18.30
CA TRP A 122 -8.47 19.65 18.49
C TRP A 122 -9.49 18.98 19.41
N ASP A 123 -9.87 19.66 20.50
CA ASP A 123 -10.78 19.05 21.46
C ASP A 123 -12.14 18.78 20.84
N ILE A 124 -12.61 19.69 19.99
CA ILE A 124 -13.91 19.48 19.34
C ILE A 124 -13.81 18.35 18.34
N THR A 125 -12.86 18.44 17.41
CA THR A 125 -12.83 17.54 16.28
C THR A 125 -12.37 16.14 16.67
N TYR A 126 -11.29 16.04 17.46
CA TYR A 126 -10.80 14.72 17.86
C TYR A 126 -11.89 13.91 18.56
N ASN A 127 -12.60 14.54 19.50
CA ASN A 127 -13.62 13.81 20.25
C ASN A 127 -14.84 13.48 19.41
N ARG A 128 -15.19 14.34 18.45
CA ARG A 128 -16.25 14.00 17.51
C ARG A 128 -15.92 12.73 16.72
N VAL A 129 -14.65 12.56 16.31
CA VAL A 129 -14.30 11.45 15.43
C VAL A 129 -14.37 10.13 16.18
N ILE A 130 -13.87 10.09 17.41
CA ILE A 130 -14.20 9.04 18.37
C ILE A 130 -15.67 9.22 18.75
N GLN A 131 -16.23 8.26 19.47
CA GLN A 131 -17.67 8.21 19.81
C GLN A 131 -18.45 7.68 18.61
N LEU A 143 -12.49 0.86 17.03
CA LEU A 143 -11.72 -0.03 16.17
C LEU A 143 -10.49 0.65 15.57
N ASP A 144 -10.17 1.84 16.08
CA ASP A 144 -8.87 2.46 15.88
C ASP A 144 -8.65 3.51 16.96
N GLU A 145 -7.40 3.63 17.41
CA GLU A 145 -7.09 4.36 18.64
C GLU A 145 -6.24 5.59 18.40
N ASN A 146 -5.06 5.44 17.82
CA ASN A 146 -4.11 6.55 17.72
C ASN A 146 -3.52 6.74 16.34
N LEU A 147 -3.79 5.83 15.40
CA LEU A 147 -3.62 6.18 14.00
C LEU A 147 -4.39 7.45 13.67
N VAL A 148 -5.54 7.66 14.34
CA VAL A 148 -6.35 8.83 14.07
C VAL A 148 -5.72 10.11 14.59
N GLU A 149 -4.84 10.03 15.59
CA GLU A 149 -4.25 11.23 16.17
C GLU A 149 -3.19 11.82 15.25
N SER A 150 -2.36 10.97 14.64
CA SER A 150 -1.31 11.52 13.79
C SER A 150 -1.86 12.01 12.46
N VAL A 151 -2.83 11.33 11.89
CA VAL A 151 -3.43 11.81 10.65
C VAL A 151 -4.17 13.12 10.90
N MET A 152 -4.86 13.22 12.04
CA MET A 152 -5.59 14.45 12.32
C MET A 152 -4.63 15.60 12.60
N LYS A 153 -3.60 15.36 13.40
CA LYS A 153 -2.63 16.42 13.70
C LYS A 153 -1.87 16.87 12.47
N GLY A 154 -1.78 16.01 11.45
CA GLY A 154 -1.15 16.42 10.21
C GLY A 154 -1.94 17.48 9.45
N PHE A 155 -3.26 17.37 9.43
CA PHE A 155 -4.06 18.42 8.80
C PHE A 155 -3.99 19.72 9.60
N ILE A 156 -4.02 19.64 10.93
CA ILE A 156 -3.90 20.83 11.76
C ILE A 156 -2.49 21.43 11.64
N GLN A 157 -1.46 20.58 11.54
CA GLN A 157 -0.10 21.05 11.33
C GLN A 157 -0.01 22.01 10.15
N ARG A 158 -0.62 21.64 9.03
CA ARG A 158 -0.47 22.43 7.81
C ARG A 158 -1.65 23.35 7.55
N TYR A 159 -2.64 23.41 8.46
CA TYR A 159 -3.77 24.29 8.28
C TYR A 159 -3.30 25.73 8.18
N GLN A 160 -3.84 26.46 7.20
CA GLN A 160 -3.56 27.88 7.04
C GLN A 160 -4.90 28.59 6.88
N PRO A 161 -5.25 29.51 7.77
CA PRO A 161 -6.58 30.13 7.71
C PRO A 161 -6.79 30.86 6.38
N ILE A 162 -8.05 30.98 6.00
CA ILE A 162 -8.39 31.74 4.81
C ILE A 162 -7.84 33.16 4.93
N ASN A 163 -7.31 33.68 3.82
CA ASN A 163 -6.76 35.04 3.79
C ASN A 163 -7.17 35.66 2.45
N THR A 164 -8.32 36.33 2.43
CA THR A 164 -8.83 36.85 1.16
C THR A 164 -8.16 38.14 0.73
N SER A 165 -7.15 38.62 1.45
CA SER A 165 -6.42 39.80 1.02
C SER A 165 -5.24 39.48 0.13
N ARG A 166 -5.11 38.23 -0.32
CA ARG A 166 -3.98 37.82 -1.15
C ARG A 166 -4.31 36.50 -1.82
N SER A 167 -3.50 36.14 -2.82
CA SER A 167 -3.69 34.86 -3.48
C SER A 167 -3.26 33.71 -2.56
N PRO A 168 -3.93 32.55 -2.65
CA PRO A 168 -5.05 32.22 -3.55
C PRO A 168 -6.47 32.58 -3.08
N ASP A 169 -6.65 32.86 -1.78
CA ASP A 169 -8.00 32.96 -1.24
C ASP A 169 -8.75 34.18 -1.75
N ASP A 170 -8.06 35.20 -2.26
CA ASP A 170 -8.74 36.33 -2.87
C ASP A 170 -9.43 35.97 -4.17
N GLN A 171 -9.26 34.75 -4.68
CA GLN A 171 -9.96 34.32 -5.89
C GLN A 171 -11.34 33.74 -5.59
N PHE A 172 -11.70 33.54 -4.32
CA PHE A 172 -13.06 33.08 -4.04
C PHE A 172 -14.04 34.19 -4.36
N ASP A 173 -15.19 33.83 -4.92
CA ASP A 173 -16.21 34.84 -5.19
C ASP A 173 -16.97 35.26 -3.94
N HIS A 174 -16.99 34.42 -2.92
CA HIS A 174 -17.80 34.65 -1.74
C HIS A 174 -17.29 33.71 -0.65
N VAL A 175 -17.46 34.12 0.61
CA VAL A 175 -17.02 33.34 1.76
C VAL A 175 -18.17 33.23 2.74
N ILE A 176 -18.45 32.02 3.21
CA ILE A 176 -19.45 31.77 4.24
C ILE A 176 -18.73 31.28 5.48
N HIS A 177 -19.01 31.92 6.63
CA HIS A 177 -18.26 31.70 7.85
C HIS A 177 -19.08 30.83 8.80
N LEU A 178 -18.57 29.65 9.09
CA LEU A 178 -19.32 28.68 9.88
C LEU A 178 -18.90 28.74 11.35
N LYS A 179 -19.70 28.09 12.18
CA LYS A 179 -19.44 28.00 13.60
C LYS A 179 -18.89 26.61 13.91
N LEU A 180 -18.11 26.53 14.98
CA LEU A 180 -17.54 25.25 15.38
C LEU A 180 -17.41 25.25 16.90
N SER A 181 -18.03 24.30 17.57
CA SER A 181 -17.98 24.34 19.03
C SER A 181 -18.51 23.05 19.61
N LYS A 182 -18.15 22.80 20.87
CA LYS A 182 -18.86 21.78 21.62
C LYS A 182 -20.32 22.20 21.72
N ASP A 183 -21.22 21.25 21.49
CA ASP A 183 -22.63 21.60 21.33
C ASP A 183 -23.55 20.61 22.02
N GLU A 184 -23.09 19.96 23.09
CA GLU A 184 -23.93 18.96 23.74
C GLU A 184 -25.18 19.58 24.36
N ASN A 185 -25.18 20.87 24.64
CA ASN A 185 -26.33 21.50 25.28
C ASN A 185 -26.98 22.57 24.41
N SER A 186 -26.59 22.66 23.14
CA SER A 186 -27.13 23.64 22.24
C SER A 186 -27.54 22.95 20.95
N LEU A 187 -28.11 23.72 20.03
CA LEU A 187 -28.24 23.28 18.64
C LEU A 187 -26.89 22.83 18.11
N LYS A 188 -26.88 21.73 17.36
CA LYS A 188 -25.62 21.23 16.82
C LYS A 188 -25.01 22.25 15.88
N SER A 189 -23.68 22.38 15.93
CA SER A 189 -23.06 23.42 15.10
C SER A 189 -23.21 23.11 13.60
N SER A 190 -23.25 21.83 13.18
CA SER A 190 -23.47 21.61 11.74
C SER A 190 -24.90 21.98 11.32
N LEU A 191 -25.87 21.90 12.24
CA LEU A 191 -27.22 22.30 11.85
C LEU A 191 -27.33 23.81 11.76
N GLU A 192 -26.74 24.53 12.72
CA GLU A 192 -26.61 25.97 12.59
C GLU A 192 -25.90 26.33 11.28
N ASN A 193 -24.89 25.55 10.91
CA ASN A 193 -24.11 25.87 9.71
C ASN A 193 -24.92 25.64 8.44
N VAL A 194 -25.72 24.56 8.40
CA VAL A 194 -26.64 24.37 7.28
C VAL A 194 -27.59 25.55 7.16
N ARG A 195 -28.12 26.02 8.31
CA ARG A 195 -29.00 27.18 8.27
C ARG A 195 -28.28 28.42 7.77
N ILE A 196 -27.03 28.61 8.20
CA ILE A 196 -26.26 29.76 7.76
C ILE A 196 -26.07 29.71 6.25
N ILE A 197 -25.68 28.54 5.73
CA ILE A 197 -25.45 28.42 4.30
C ILE A 197 -26.73 28.69 3.52
N ILE A 198 -27.84 28.10 3.96
CA ILE A 198 -29.11 28.27 3.24
C ILE A 198 -29.52 29.74 3.22
N ASP A 199 -29.44 30.41 4.37
CA ASP A 199 -29.82 31.83 4.44
C ASP A 199 -28.90 32.67 3.56
N ASP A 200 -27.60 32.37 3.59
CA ASP A 200 -26.66 33.09 2.73
C ASP A 200 -27.04 32.94 1.27
N LEU A 201 -27.31 31.71 0.83
CA LEU A 201 -27.63 31.47 -0.57
C LEU A 201 -28.93 32.17 -0.94
N VAL A 202 -29.94 32.10 -0.07
CA VAL A 202 -31.22 32.74 -0.36
C VAL A 202 -31.05 34.23 -0.58
N GLN A 203 -30.15 34.87 0.19
CA GLN A 203 -29.96 36.31 0.04
C GLN A 203 -29.04 36.66 -1.13
N ASN A 204 -27.99 35.87 -1.36
CA ASN A 204 -26.96 36.26 -2.30
C ASN A 204 -27.00 35.52 -3.62
N PHE A 205 -27.66 34.37 -3.69
CA PHE A 205 -27.77 33.60 -4.93
C PHE A 205 -29.18 33.04 -5.05
N PRO A 206 -30.18 33.91 -5.24
CA PRO A 206 -31.56 33.41 -5.32
C PRO A 206 -31.78 32.38 -6.41
N ASP A 207 -30.93 32.35 -7.44
CA ASP A 207 -31.09 31.35 -8.49
C ASP A 207 -30.74 29.96 -8.01
N LEU A 208 -29.99 29.84 -6.91
CA LEU A 208 -29.65 28.55 -6.34
C LEU A 208 -30.75 28.03 -5.41
N ILE A 209 -31.29 28.90 -4.56
CA ILE A 209 -32.40 28.55 -3.67
C ILE A 209 -33.45 29.64 -3.85
N LYS A 210 -34.52 29.33 -4.59
CA LYS A 210 -35.59 30.30 -4.80
C LYS A 210 -36.26 30.68 -3.49
N GLU A 211 -36.78 29.70 -2.77
CA GLU A 211 -37.40 29.92 -1.47
C GLU A 211 -36.80 28.96 -0.46
N LYS A 212 -36.58 29.44 0.76
CA LYS A 212 -35.98 28.63 1.80
C LYS A 212 -36.86 27.42 2.11
N PRO A 213 -36.31 26.21 2.14
CA PRO A 213 -37.10 25.06 2.55
C PRO A 213 -37.59 25.20 3.98
N ALA A 214 -38.58 24.38 4.32
CA ALA A 214 -39.18 24.39 5.64
C ALA A 214 -38.18 23.90 6.69
N ASP A 215 -38.27 24.52 7.87
CA ASP A 215 -37.32 24.17 8.93
C ASP A 215 -37.49 22.72 9.36
N GLU A 216 -38.74 22.25 9.41
CA GLU A 216 -38.98 20.83 9.69
C GLU A 216 -38.24 19.94 8.70
N LEU A 217 -38.26 20.32 7.42
CA LEU A 217 -37.56 19.54 6.41
C LEU A 217 -36.04 19.65 6.58
N ILE A 218 -35.54 20.85 6.83
CA ILE A 218 -34.11 21.04 7.08
C ILE A 218 -33.67 20.19 8.27
N ASN A 219 -34.45 20.21 9.36
CA ASN A 219 -34.11 19.43 10.54
C ASN A 219 -34.09 17.93 10.24
N GLU A 220 -35.11 17.46 9.53
CA GLU A 220 -35.18 16.05 9.17
C GLU A 220 -33.98 15.64 8.30
N CYS A 221 -33.69 16.43 7.26
CA CYS A 221 -32.56 16.12 6.40
C CYS A 221 -31.26 16.09 7.18
N PHE A 222 -31.11 16.99 8.15
CA PHE A 222 -29.90 17.00 8.96
C PHE A 222 -29.82 15.76 9.84
N GLN A 223 -30.94 15.38 10.48
CA GLN A 223 -30.96 14.17 11.27
C GLN A 223 -30.54 12.97 10.44
N LYS A 224 -31.10 12.84 9.24
CA LYS A 224 -30.65 11.79 8.34
C LYS A 224 -29.14 11.84 8.15
N ALA A 225 -28.60 13.02 7.84
CA ALA A 225 -27.16 13.13 7.61
C ALA A 225 -26.37 12.87 8.88
N LEU A 226 -26.85 13.36 10.03
CA LEU A 226 -26.13 13.12 11.28
C LEU A 226 -26.00 11.62 11.57
N ASP A 227 -26.98 10.82 11.14
CA ASP A 227 -26.88 9.36 11.24
C ASP A 227 -26.82 8.78 9.84
N TYR A 228 -25.62 8.81 9.26
CA TYR A 228 -25.25 7.99 8.12
C TYR A 228 -23.87 7.47 8.46
N LYS A 229 -23.49 6.37 7.83
CA LYS A 229 -22.17 5.81 8.11
C LYS A 229 -21.09 6.86 7.81
N PRO A 230 -20.23 7.18 8.77
CA PRO A 230 -19.19 8.18 8.51
C PRO A 230 -18.18 7.70 7.49
N THR A 231 -17.48 8.67 6.89
CA THR A 231 -16.43 8.42 5.94
C THR A 231 -15.15 9.05 6.47
N PHE A 232 -14.08 8.27 6.51
CA PHE A 232 -12.80 8.71 7.05
C PHE A 232 -11.79 8.83 5.91
N VAL A 233 -10.86 9.78 6.05
CA VAL A 233 -9.76 9.86 5.11
C VAL A 233 -9.04 8.52 5.10
N LYS A 234 -8.51 8.15 3.94
CA LYS A 234 -8.05 6.77 3.72
C LYS A 234 -6.80 6.44 4.49
N ASN A 235 -6.04 7.44 4.95
CA ASN A 235 -4.89 7.18 5.81
C ASN A 235 -5.32 6.81 7.23
N MET A 236 -6.55 7.17 7.61
CA MET A 236 -7.09 6.80 8.91
C MET A 236 -7.84 5.48 8.88
N THR A 237 -8.48 5.17 7.74
CA THR A 237 -8.97 3.83 7.46
C THR A 237 -7.92 2.97 6.77
N ALA A 238 -6.64 3.28 7.00
CA ALA A 238 -5.54 2.55 6.38
C ALA A 238 -5.35 1.23 7.11
N ASN A 239 -5.61 0.12 6.41
CA ASN A 239 -5.47 -1.20 6.98
C ASN A 239 -3.99 -1.57 7.14
N THR A 240 -3.76 -2.65 7.91
CA THR A 240 -2.42 -3.17 8.12
C THR A 240 -1.90 -3.85 6.86
N ILE A 241 -0.58 -3.96 6.77
CA ILE A 241 0.07 -4.87 5.82
C ILE A 241 0.36 -6.15 6.62
N LYS A 242 -0.45 -7.18 6.38
CA LYS A 242 -0.24 -8.49 7.01
C LYS A 242 0.96 -9.11 6.33
N LYS A 243 2.14 -8.60 6.70
CA LYS A 243 3.35 -8.82 5.92
C LYS A 243 3.63 -10.30 5.69
N ASP A 244 4.00 -10.63 4.47
CA ASP A 244 4.42 -11.93 3.96
C ASP A 244 5.93 -12.05 4.04
N PRO A 245 6.42 -13.21 4.46
CA PRO A 245 7.88 -13.38 4.63
C PRO A 245 8.59 -13.37 3.29
N THR A 246 9.91 -13.19 3.37
CA THR A 246 10.71 -13.10 2.15
C THR A 246 10.98 -14.48 1.54
N TYR A 247 11.34 -15.48 2.35
CA TYR A 247 11.59 -16.80 1.81
C TYR A 247 11.53 -17.85 2.91
N TYR A 248 11.39 -19.11 2.48
CA TYR A 248 11.40 -20.28 3.34
C TYR A 248 12.63 -21.11 2.99
N GLY A 249 13.32 -21.62 4.02
CA GLY A 249 14.58 -22.30 3.80
C GLY A 249 14.74 -23.51 4.69
N ILE A 250 15.73 -24.33 4.35
CA ILE A 250 16.21 -25.41 5.21
C ILE A 250 17.59 -25.03 5.70
N ALA A 251 17.74 -24.89 7.01
CA ALA A 251 19.03 -24.56 7.61
C ALA A 251 19.93 -25.79 7.56
N MET A 252 21.10 -25.67 6.91
CA MET A 252 22.00 -26.80 6.75
C MET A 252 23.09 -26.72 7.79
N HIS A 253 23.37 -27.84 8.46
CA HIS A 253 24.42 -27.87 9.48
C HIS A 253 25.75 -27.43 8.87
N TYR A 254 26.34 -26.38 9.46
CA TYR A 254 27.44 -25.67 8.82
C TYR A 254 28.64 -26.58 8.60
N SER A 255 29.14 -27.22 9.66
CA SER A 255 30.32 -28.07 9.52
C SER A 255 30.09 -29.21 8.54
N SER A 256 28.84 -29.65 8.37
CA SER A 256 28.55 -30.74 7.42
C SER A 256 28.73 -30.27 5.98
N ILE A 257 28.33 -29.04 5.67
CA ILE A 257 28.58 -28.50 4.34
C ILE A 257 30.06 -28.26 4.14
N LEU A 258 30.70 -27.63 5.13
CA LEU A 258 32.09 -27.23 4.98
C LEU A 258 32.98 -28.44 4.73
N GLU A 259 32.74 -29.54 5.44
CA GLU A 259 33.59 -30.71 5.27
C GLU A 259 33.43 -31.32 3.89
N ASN A 260 32.28 -31.12 3.24
CA ASN A 260 32.11 -31.68 1.91
C ASN A 260 32.54 -30.75 0.79
N LEU A 261 33.21 -29.65 1.11
CA LEU A 261 33.85 -28.82 0.09
C LEU A 261 35.25 -29.30 -0.26
N GLU A 262 35.75 -30.34 0.41
CA GLU A 262 37.13 -30.74 0.16
C GLU A 262 37.33 -31.21 -1.28
N ILE A 263 36.25 -31.57 -1.96
CA ILE A 263 36.33 -32.04 -3.34
C ILE A 263 36.78 -30.92 -4.28
N VAL A 264 36.52 -29.67 -3.92
CA VAL A 264 36.89 -28.52 -4.76
C VAL A 264 37.91 -27.62 -4.10
N SER A 265 38.31 -27.92 -2.86
CA SER A 265 39.18 -27.00 -2.13
C SER A 265 40.50 -26.79 -2.84
N HIS A 266 40.98 -27.79 -3.58
CA HIS A 266 42.26 -27.71 -4.27
C HIS A 266 42.12 -27.42 -5.75
N ASN A 267 40.89 -27.24 -6.23
CA ASN A 267 40.65 -26.94 -7.64
C ASN A 267 40.97 -25.49 -7.96
N GLU A 268 41.63 -25.27 -9.09
CA GLU A 268 42.06 -23.91 -9.40
C GLU A 268 40.88 -22.98 -9.62
N HIS A 269 39.74 -23.49 -10.11
CA HIS A 269 38.58 -22.63 -10.33
C HIS A 269 37.79 -22.33 -9.06
N PHE A 270 38.20 -22.87 -7.93
CA PHE A 270 37.53 -22.58 -6.67
C PHE A 270 38.30 -21.58 -5.81
N GLN A 271 39.57 -21.32 -6.11
CA GLN A 271 40.37 -20.48 -5.23
C GLN A 271 39.79 -19.06 -5.17
N ASN A 272 39.25 -18.58 -6.29
CA ASN A 272 38.51 -17.33 -6.35
C ASN A 272 37.37 -17.29 -5.33
N ILE A 273 36.75 -18.42 -5.07
CA ILE A 273 35.51 -18.45 -4.31
C ILE A 273 35.76 -18.51 -2.80
N LYS A 274 36.92 -19.02 -2.39
CA LYS A 274 37.17 -19.37 -1.00
C LYS A 274 36.91 -18.20 -0.06
N SER A 275 37.35 -17.02 -0.45
CA SER A 275 37.22 -15.87 0.45
C SER A 275 35.81 -15.31 0.52
N HIS A 276 34.85 -15.88 -0.21
CA HIS A 276 33.46 -15.44 -0.18
C HIS A 276 32.53 -16.52 0.35
N ILE A 277 33.07 -17.63 0.85
CA ILE A 277 32.23 -18.67 1.42
C ILE A 277 31.36 -18.08 2.50
N GLN A 278 30.06 -18.41 2.47
CA GLN A 278 29.10 -17.84 3.39
C GLN A 278 29.34 -18.34 4.81
N THR A 279 28.77 -17.63 5.78
CA THR A 279 28.83 -18.01 7.18
C THR A 279 27.55 -18.69 7.67
N GLU A 280 26.69 -19.07 6.74
CA GLU A 280 25.52 -19.91 6.97
C GLU A 280 25.19 -20.56 5.63
N PHE A 281 24.63 -21.76 5.68
CA PHE A 281 24.20 -22.47 4.48
C PHE A 281 22.75 -22.88 4.62
N HIS A 282 21.99 -22.75 3.54
CA HIS A 282 20.58 -23.12 3.53
C HIS A 282 20.18 -23.61 2.15
N VAL A 283 19.14 -24.45 2.12
CA VAL A 283 18.41 -24.78 0.89
C VAL A 283 17.19 -23.89 0.85
N THR A 284 17.07 -23.08 -0.20
CA THR A 284 15.87 -22.25 -0.34
C THR A 284 14.73 -23.12 -0.86
N LEU A 285 13.59 -23.06 -0.17
CA LEU A 285 12.38 -23.78 -0.57
C LEU A 285 11.50 -22.92 -1.46
N GLY A 286 11.52 -21.62 -1.25
CA GLY A 286 10.65 -20.72 -1.97
C GLY A 286 10.97 -19.30 -1.59
N HIS A 287 10.97 -18.42 -2.58
CA HIS A 287 11.20 -17.00 -2.40
C HIS A 287 9.98 -16.24 -2.91
N ILE A 288 9.60 -15.19 -2.19
CA ILE A 288 8.40 -14.43 -2.54
C ILE A 288 8.51 -13.87 -3.94
N ALA A 289 9.73 -13.63 -4.43
CA ALA A 289 9.92 -13.13 -5.78
C ALA A 289 9.36 -14.09 -6.82
N SER A 290 9.39 -15.39 -6.54
CA SER A 290 8.92 -16.37 -7.51
C SER A 290 7.40 -16.46 -7.56
N SER A 291 6.68 -15.82 -6.63
CA SER A 291 5.22 -15.76 -6.71
C SER A 291 4.73 -14.92 -7.88
N LYS A 292 5.69 -14.39 -8.67
CA LYS A 292 5.43 -13.38 -9.68
C LYS A 292 5.84 -13.78 -11.10
N GLN A 293 6.42 -14.96 -11.31
CA GLN A 293 6.70 -15.43 -12.65
C GLN A 293 5.52 -16.20 -13.22
N ASP A 294 5.17 -17.32 -12.59
CA ASP A 294 4.13 -18.20 -13.08
C ASP A 294 2.91 -18.15 -12.16
N LYS A 295 1.76 -18.55 -12.71
CA LYS A 295 0.70 -19.04 -11.83
C LYS A 295 1.25 -20.13 -10.93
N ALA A 296 2.11 -20.99 -11.49
CA ALA A 296 2.74 -22.04 -10.71
C ALA A 296 3.52 -21.47 -9.53
N GLY A 297 4.34 -20.44 -9.78
CA GLY A 297 5.09 -19.84 -8.69
C GLY A 297 4.20 -19.20 -7.64
N ARG A 298 3.06 -18.66 -8.04
CA ARG A 298 2.13 -18.06 -7.09
C ARG A 298 1.47 -19.12 -6.22
N VAL A 299 0.95 -20.19 -6.84
CA VAL A 299 0.22 -21.19 -6.08
C VAL A 299 1.15 -21.90 -5.11
N LYS A 300 2.35 -22.26 -5.57
CA LYS A 300 3.29 -22.93 -4.69
C LYS A 300 3.77 -22.02 -3.57
N TRP A 301 3.89 -20.72 -3.83
CA TRP A 301 4.24 -19.81 -2.76
C TRP A 301 3.14 -19.77 -1.70
N LYS A 302 1.87 -19.71 -2.14
CA LYS A 302 0.77 -19.63 -1.19
C LYS A 302 0.71 -20.87 -0.31
N LYS A 303 0.86 -22.05 -0.91
CA LYS A 303 0.80 -23.28 -0.13
C LYS A 303 1.93 -23.36 0.88
N LEU A 304 3.09 -22.76 0.57
CA LEU A 304 4.19 -22.71 1.52
C LEU A 304 3.83 -21.83 2.71
N VAL A 305 3.15 -20.71 2.46
CA VAL A 305 2.76 -19.83 3.56
C VAL A 305 1.63 -20.47 4.36
N LYS A 306 0.78 -21.26 3.71
CA LYS A 306 -0.31 -21.92 4.41
C LYS A 306 0.21 -23.03 5.32
N THR A 307 1.01 -23.93 4.75
CA THR A 307 1.55 -25.05 5.51
C THR A 307 2.57 -24.58 6.55
N LEU A 308 3.66 -24.01 6.09
CA LEU A 308 4.62 -23.35 6.98
C LEU A 308 4.10 -21.95 7.26
N GLY A 309 3.66 -21.72 8.47
CA GLY A 309 3.02 -20.46 8.81
C GLY A 309 3.97 -19.28 8.69
N LYS A 310 3.39 -18.10 8.84
CA LYS A 310 4.18 -16.89 9.00
C LYS A 310 4.76 -16.89 10.41
N GLY A 311 6.06 -17.15 10.52
CA GLY A 311 6.70 -17.16 11.83
C GLY A 311 6.69 -15.79 12.48
N ASP A 312 7.25 -15.66 13.67
CA ASP A 312 7.35 -14.37 14.33
C ASP A 312 7.98 -13.36 13.38
N PRO A 313 7.30 -12.25 13.04
CA PRO A 313 7.82 -11.33 12.01
C PRO A 313 8.83 -10.28 12.47
N ASN A 314 9.04 -10.10 13.78
CA ASN A 314 10.02 -9.15 14.29
C ASN A 314 11.34 -9.83 14.63
N LYS A 315 11.89 -10.56 13.66
CA LYS A 315 13.14 -11.29 13.74
C LYS A 315 13.52 -11.66 12.31
N PRO A 316 14.77 -11.44 11.89
CA PRO A 316 15.12 -11.73 10.49
C PRO A 316 14.99 -13.20 10.11
N LYS A 317 15.07 -14.12 11.08
CA LYS A 317 14.89 -15.53 10.85
C LYS A 317 14.16 -16.14 12.03
N SER A 318 13.25 -17.08 11.76
CA SER A 318 12.54 -17.81 12.80
C SER A 318 12.52 -19.29 12.41
N ALA A 319 12.90 -20.14 13.36
CA ALA A 319 12.86 -21.57 13.11
C ALA A 319 11.41 -22.05 13.08
N LEU A 320 11.12 -22.98 12.18
CA LEU A 320 9.79 -23.57 12.16
C LEU A 320 9.87 -25.02 12.64
N LYS A 321 8.72 -25.56 13.01
CA LYS A 321 8.65 -26.90 13.55
C LYS A 321 8.52 -27.95 12.45
N PHE A 322 9.44 -27.87 11.49
CA PHE A 322 9.56 -28.85 10.43
C PHE A 322 11.04 -29.11 10.17
N PHE A 323 11.33 -30.33 9.70
CA PHE A 323 12.70 -30.76 9.47
C PHE A 323 12.77 -31.52 8.16
N ALA A 324 13.96 -31.58 7.58
CA ALA A 324 14.14 -32.20 6.26
C ALA A 324 15.38 -33.08 6.26
N ASP A 325 15.32 -34.14 5.44
CA ASP A 325 16.51 -34.91 5.11
C ASP A 325 16.93 -34.52 3.70
N VAL A 326 18.22 -34.27 3.51
CA VAL A 326 18.75 -33.67 2.28
C VAL A 326 19.93 -34.49 1.78
N LYS A 327 19.97 -34.75 0.48
CA LYS A 327 21.10 -35.44 -0.12
C LYS A 327 21.90 -34.49 -1.01
N LEU A 328 23.21 -34.45 -0.82
CA LEU A 328 24.09 -33.59 -1.60
C LEU A 328 24.49 -34.36 -2.86
N LEU A 329 24.31 -33.73 -4.01
CA LEU A 329 24.50 -34.43 -5.28
C LEU A 329 25.77 -34.04 -6.02
N GLN A 330 25.97 -32.75 -6.25
CA GLN A 330 27.17 -32.32 -6.96
C GLN A 330 27.41 -30.85 -6.69
N ILE A 331 28.67 -30.46 -6.82
CA ILE A 331 29.10 -29.06 -6.74
C ILE A 331 29.25 -28.52 -8.15
N VAL A 332 28.71 -27.32 -8.39
CA VAL A 332 28.85 -26.63 -9.66
C VAL A 332 29.47 -25.27 -9.37
N ILE A 333 30.60 -24.99 -10.02
CA ILE A 333 31.25 -23.70 -9.99
C ILE A 333 30.87 -22.98 -11.28
N ASN A 334 30.30 -21.78 -11.14
CA ASN A 334 30.16 -20.86 -12.26
C ASN A 334 31.38 -19.96 -12.24
N THR A 335 32.30 -20.16 -13.19
CA THR A 335 33.63 -19.60 -13.08
C THR A 335 33.60 -18.09 -12.86
N ASP A 336 34.42 -17.63 -11.91
CA ASP A 336 34.52 -16.24 -11.47
C ASP A 336 33.20 -15.63 -11.02
N LYS A 337 32.17 -16.45 -10.77
CA LYS A 337 30.90 -15.94 -10.28
C LYS A 337 30.50 -16.55 -8.94
N LEU A 338 30.39 -17.89 -8.84
CA LEU A 338 29.86 -18.48 -7.62
C LEU A 338 30.11 -19.99 -7.63
N ALA A 339 29.79 -20.61 -6.50
CA ALA A 339 29.75 -22.06 -6.38
C ALA A 339 28.50 -22.43 -5.59
N CYS A 340 27.90 -23.55 -5.96
CA CYS A 340 26.72 -24.04 -5.26
C CYS A 340 26.71 -25.55 -5.28
N ILE A 341 25.89 -26.12 -4.42
CA ILE A 341 25.70 -27.57 -4.34
C ILE A 341 24.28 -27.86 -4.81
N LYS A 342 24.16 -28.70 -5.82
CA LYS A 342 22.86 -29.23 -6.21
C LYS A 342 22.45 -30.33 -5.23
N VAL A 343 21.21 -30.29 -4.75
CA VAL A 343 20.78 -31.20 -3.70
C VAL A 343 19.41 -31.77 -4.06
N GLU A 344 19.01 -32.83 -3.35
CA GLU A 344 17.64 -33.27 -3.39
C GLU A 344 17.09 -33.33 -1.98
N ILE A 345 15.81 -33.02 -1.84
CA ILE A 345 15.12 -33.13 -0.56
C ILE A 345 14.49 -34.51 -0.52
N LEU A 346 15.00 -35.37 0.38
CA LEU A 346 14.48 -36.73 0.52
C LEU A 346 13.12 -36.74 1.23
N LYS A 347 12.95 -35.92 2.25
CA LYS A 347 11.67 -35.90 2.95
C LYS A 347 11.60 -34.67 3.85
N ILE A 348 10.36 -34.22 4.09
CA ILE A 348 10.06 -33.17 5.05
C ILE A 348 9.05 -33.74 6.05
N TYR A 349 9.26 -33.45 7.32
CA TYR A 349 8.38 -33.98 8.37
C TYR A 349 8.29 -32.99 9.52
N ASP A 350 7.30 -33.19 10.38
CA ASP A 350 7.09 -32.31 11.53
C ASP A 350 7.76 -32.89 12.77
N THR A 351 7.50 -32.26 13.92
CA THR A 351 8.21 -32.62 15.14
C THR A 351 7.90 -34.04 15.60
N ASN A 352 6.74 -34.58 15.24
CA ASN A 352 6.42 -35.96 15.51
C ASN A 352 6.58 -36.83 14.27
N ASP A 353 7.48 -36.44 13.37
CA ASP A 353 8.02 -37.26 12.29
C ASP A 353 6.98 -37.69 11.27
N VAL A 354 5.77 -37.15 11.30
CA VAL A 354 4.84 -37.46 10.22
C VAL A 354 5.24 -36.68 8.98
N LEU A 355 5.27 -37.36 7.84
CA LEU A 355 5.71 -36.72 6.60
C LEU A 355 4.68 -35.66 6.17
N GLN A 356 5.18 -34.59 5.58
CA GLN A 356 4.30 -33.49 5.13
C GLN A 356 4.44 -33.43 3.62
N SER A 357 3.61 -34.25 2.94
CA SER A 357 3.68 -34.41 1.50
C SER A 357 3.27 -33.17 0.75
N GLU A 358 2.63 -32.20 1.41
CA GLU A 358 2.09 -31.04 0.74
C GLU A 358 3.07 -29.87 0.62
N ILE A 359 4.33 -30.07 0.99
CA ILE A 359 5.33 -29.01 0.89
C ILE A 359 6.09 -29.22 -0.41
N GLU A 360 5.76 -28.43 -1.42
CA GLU A 360 6.43 -28.50 -2.70
C GLU A 360 7.36 -27.30 -2.86
N PRO A 361 8.67 -27.51 -3.00
CA PRO A 361 9.57 -26.39 -3.28
C PRO A 361 9.21 -25.69 -4.58
N ILE A 362 9.57 -24.41 -4.68
CA ILE A 362 9.27 -23.66 -5.89
C ILE A 362 10.35 -23.89 -6.95
N ASN A 363 11.61 -23.68 -6.58
CA ASN A 363 12.71 -23.87 -7.51
C ASN A 363 12.76 -25.30 -8.00
N LYS A 364 12.69 -25.49 -9.31
CA LYS A 364 13.42 -26.61 -9.87
C LYS A 364 14.90 -26.27 -9.78
N GLN A 365 15.73 -27.30 -9.65
CA GLN A 365 17.14 -27.13 -9.27
C GLN A 365 17.33 -26.58 -7.85
N LEU A 366 17.01 -27.40 -6.86
CA LEU A 366 17.29 -27.10 -5.46
C LEU A 366 18.80 -27.06 -5.19
N HIS A 367 19.23 -26.10 -4.38
CA HIS A 367 20.67 -25.89 -4.23
C HIS A 367 21.00 -25.29 -2.86
N ILE A 368 22.29 -25.36 -2.54
CA ILE A 368 22.90 -24.64 -1.44
C ILE A 368 23.97 -23.75 -2.05
N THR A 369 23.79 -22.43 -1.98
CA THR A 369 24.82 -21.52 -2.46
C THR A 369 26.01 -21.57 -1.51
N ILE A 370 27.22 -21.66 -2.05
CA ILE A 370 28.41 -21.72 -1.21
C ILE A 370 29.01 -20.35 -1.02
N GLY A 371 29.18 -19.62 -2.11
CA GLY A 371 29.68 -18.27 -2.05
C GLY A 371 29.67 -17.67 -3.45
N CYS A 372 29.66 -16.35 -3.49
CA CYS A 372 29.58 -15.60 -4.73
C CYS A 372 30.64 -14.51 -4.72
N ILE A 373 31.25 -14.27 -5.88
CA ILE A 373 32.20 -13.18 -6.05
C ILE A 373 31.42 -11.93 -6.42
N PRO A 374 31.55 -10.84 -5.64
CA PRO A 374 30.40 -9.99 -5.28
C PRO A 374 29.83 -9.13 -6.40
N PRO A 375 30.31 -9.18 -7.64
CA PRO A 375 29.38 -8.79 -8.71
C PRO A 375 28.17 -9.72 -8.74
N ALA A 376 28.40 -11.03 -8.76
CA ALA A 376 27.34 -12.01 -8.72
C ALA A 376 26.75 -12.14 -7.31
N THR A 377 25.48 -12.57 -7.25
CA THR A 377 24.75 -12.73 -6.01
C THR A 377 24.13 -14.13 -5.97
N ALA A 378 23.64 -14.51 -4.79
CA ALA A 378 23.22 -15.89 -4.56
C ALA A 378 22.05 -16.30 -5.44
N VAL A 379 21.19 -15.36 -5.81
CA VAL A 379 20.07 -15.68 -6.70
C VAL A 379 20.55 -16.31 -8.00
N GLU A 380 21.81 -16.07 -8.38
CA GLU A 380 22.33 -16.58 -9.64
C GLU A 380 22.68 -18.07 -9.59
N SER A 381 22.69 -18.68 -8.40
CA SER A 381 22.82 -20.13 -8.31
C SER A 381 21.72 -20.83 -9.09
N ASN A 382 20.52 -20.24 -9.09
CA ASN A 382 19.40 -20.85 -9.82
C ASN A 382 19.64 -20.82 -11.31
N ILE A 383 19.98 -19.64 -11.86
CA ILE A 383 20.26 -19.54 -13.29
C ILE A 383 21.42 -20.45 -13.67
N THR A 384 22.39 -20.61 -12.76
CA THR A 384 23.53 -21.48 -13.03
C THR A 384 23.08 -22.91 -13.27
N LEU A 385 22.28 -23.46 -12.34
CA LEU A 385 21.83 -24.84 -12.49
C LEU A 385 20.77 -24.98 -13.57
N GLU A 386 19.95 -23.97 -13.79
CA GLU A 386 18.93 -24.04 -14.82
C GLU A 386 19.57 -24.05 -16.22
N GLU A 387 20.60 -23.23 -16.43
CA GLU A 387 21.27 -23.25 -17.73
C GLU A 387 22.07 -24.53 -17.93
N LEU A 388 22.57 -25.13 -16.84
CA LEU A 388 23.25 -26.42 -16.93
C LEU A 388 22.27 -27.55 -17.24
N TYR A 389 21.05 -27.45 -16.73
CA TYR A 389 20.04 -28.51 -16.88
C TYR A 389 18.83 -27.99 -17.64
N ASP A 390 19.09 -27.37 -18.80
CA ASP A 390 18.06 -26.66 -19.57
C ASP A 390 17.20 -27.57 -20.43
N ASN A 391 17.50 -28.87 -20.51
CA ASN A 391 16.70 -29.77 -21.33
C ASN A 391 15.79 -30.58 -20.42
N PRO A 392 14.47 -30.42 -20.51
CA PRO A 392 13.57 -31.11 -19.58
C PRO A 392 13.63 -32.63 -19.70
N ASP A 393 14.07 -33.17 -20.83
CA ASP A 393 14.15 -34.62 -21.01
C ASP A 393 15.54 -35.18 -20.70
N GLU A 394 16.49 -34.34 -20.30
CA GLU A 394 17.82 -34.79 -19.88
C GLU A 394 18.15 -34.06 -18.57
N GLN A 395 17.60 -34.58 -17.47
CA GLN A 395 17.81 -34.01 -16.15
C GLN A 395 18.74 -34.85 -15.29
N GLU A 396 19.28 -35.95 -15.82
CA GLU A 396 20.23 -36.75 -15.05
C GLU A 396 21.46 -35.93 -14.69
N LEU A 397 22.06 -36.24 -13.54
CA LEU A 397 23.29 -35.58 -13.12
C LEU A 397 24.35 -35.69 -14.19
N LYS A 398 24.90 -34.55 -14.62
CA LYS A 398 25.93 -34.58 -15.65
C LYS A 398 27.26 -35.04 -15.04
N PRO A 399 28.09 -35.72 -15.81
CA PRO A 399 29.37 -36.17 -15.29
C PRO A 399 30.31 -34.99 -15.05
N ASP A 400 31.39 -35.26 -14.31
CA ASP A 400 32.41 -34.25 -14.04
C ASP A 400 32.92 -33.65 -15.34
N GLY A 401 33.21 -32.36 -15.30
CA GLY A 401 33.89 -31.71 -16.39
C GLY A 401 33.48 -30.25 -16.54
N THR A 402 33.83 -29.70 -17.69
CA THR A 402 33.57 -28.30 -17.99
C THR A 402 32.40 -28.22 -18.96
N TYR A 403 31.50 -27.26 -18.74
CA TYR A 403 30.33 -27.11 -19.59
C TYR A 403 30.14 -25.64 -19.95
N LYS A 404 30.08 -25.34 -21.25
CA LYS A 404 29.76 -23.99 -21.70
C LYS A 404 28.25 -23.84 -21.75
N CYS A 405 27.73 -22.83 -21.05
CA CYS A 405 26.31 -22.53 -21.02
C CYS A 405 26.16 -21.03 -21.18
N GLY A 406 25.47 -20.60 -22.24
CA GLY A 406 25.41 -19.19 -22.53
C GLY A 406 26.81 -18.62 -22.54
N ASP A 407 27.05 -17.58 -21.73
CA ASP A 407 28.38 -17.01 -21.61
C ASP A 407 29.14 -17.51 -20.38
N ASP A 408 28.61 -18.49 -19.66
CA ASP A 408 29.25 -18.99 -18.46
C ASP A 408 30.03 -20.26 -18.74
N THR A 409 31.16 -20.41 -18.06
CA THR A 409 31.90 -21.66 -18.05
C THR A 409 31.69 -22.32 -16.68
N LEU A 410 31.00 -23.45 -16.67
CA LEU A 410 30.69 -24.20 -15.46
C LEU A 410 31.63 -25.41 -15.30
N HIS A 411 31.92 -25.74 -14.05
CA HIS A 411 32.67 -26.94 -13.71
C HIS A 411 31.87 -27.76 -12.72
N VAL A 412 31.72 -29.05 -13.01
CA VAL A 412 30.83 -29.95 -12.29
C VAL A 412 31.68 -30.95 -11.52
N PHE A 413 31.35 -31.18 -10.25
CA PHE A 413 32.10 -32.12 -9.42
C PHE A 413 31.08 -32.99 -8.70
N ASN A 414 30.97 -34.26 -9.10
CA ASN A 414 30.10 -35.19 -8.40
C ASN A 414 30.79 -35.75 -7.17
N PHE A 415 30.01 -36.00 -6.13
CA PHE A 415 30.58 -36.62 -4.94
C PHE A 415 30.87 -38.09 -5.18
N ASP A 416 31.97 -38.58 -4.60
CA ASP A 416 32.26 -40.01 -4.64
C ASP A 416 31.30 -40.80 -3.77
N ASN A 417 30.83 -40.21 -2.69
CA ASN A 417 29.94 -40.89 -1.74
C ASN A 417 28.51 -40.73 -2.20
N PRO A 418 27.80 -41.80 -2.59
CA PRO A 418 26.40 -41.69 -3.00
C PRO A 418 25.43 -41.48 -1.84
N ASP A 419 25.94 -41.45 -0.61
CA ASP A 419 25.11 -41.47 0.59
C ASP A 419 25.36 -40.24 1.44
N LEU A 420 25.60 -39.09 0.81
CA LEU A 420 25.80 -37.82 1.53
C LEU A 420 24.44 -37.29 1.97
N LYS A 421 23.87 -37.96 2.95
CA LYS A 421 22.57 -37.60 3.47
C LYS A 421 22.77 -36.84 4.78
N LEU A 422 22.07 -35.71 4.91
CA LEU A 422 22.05 -34.89 6.10
C LEU A 422 20.63 -34.92 6.65
N PHE A 423 20.49 -35.26 7.93
CA PHE A 423 19.19 -35.58 8.48
C PHE A 423 18.72 -34.52 9.46
N SER A 424 17.40 -34.34 9.51
CA SER A 424 16.76 -33.52 10.52
C SER A 424 17.29 -32.08 10.49
N GLN A 425 17.40 -31.55 9.28
CA GLN A 425 17.79 -30.15 9.07
C GLN A 425 16.54 -29.27 9.19
N GLN A 426 16.58 -28.29 10.09
CA GLN A 426 15.36 -27.59 10.48
C GLN A 426 14.98 -26.52 9.47
N LEU A 427 13.69 -26.45 9.15
CA LEU A 427 13.18 -25.39 8.30
C LEU A 427 13.09 -24.07 9.06
N PHE A 428 13.18 -22.96 8.34
CA PHE A 428 13.02 -21.64 8.92
C PHE A 428 12.28 -20.73 7.95
N VAL A 429 11.80 -19.61 8.48
CA VAL A 429 11.21 -18.54 7.67
C VAL A 429 12.08 -17.31 7.81
N ALA A 430 12.13 -16.48 6.76
CA ALA A 430 12.98 -15.30 6.75
C ALA A 430 12.19 -14.07 6.30
N TYR A 431 12.30 -13.00 7.08
CA TYR A 431 11.79 -11.68 6.70
C TYR A 431 13.02 -10.78 6.52
N GLN A 432 13.27 -10.36 5.28
CA GLN A 432 14.35 -9.41 5.04
C GLN A 432 13.83 -8.10 4.46
PB GDP B . -15.55 15.69 8.22
O1B GDP B . -16.24 15.19 7.01
O2B GDP B . -15.26 17.18 8.14
O3B GDP B . -14.27 14.93 8.53
O3A GDP B . -16.56 15.51 9.48
PA GDP B . -17.92 14.68 9.42
O1A GDP B . -19.10 15.34 8.73
O2A GDP B . -17.66 13.31 8.85
O5' GDP B . -18.31 14.58 10.99
C5' GDP B . -17.42 13.88 11.88
C4' GDP B . -18.21 13.36 13.09
O4' GDP B . -18.81 14.47 13.75
C3' GDP B . -19.37 12.47 12.68
O3' GDP B . -19.56 11.46 13.66
C2' GDP B . -20.58 13.35 12.73
O2' GDP B . -21.76 12.64 13.04
C1' GDP B . -20.21 14.27 13.87
N9 GDP B . -20.86 15.58 13.71
C8 GDP B . -21.19 16.19 12.56
N7 GDP B . -21.74 17.39 12.81
C5 GDP B . -21.76 17.56 14.16
C6 GDP B . -22.20 18.60 15.11
O6 GDP B . -22.70 19.65 14.65
N1 GDP B . -22.03 18.37 16.43
C2 GDP B . -21.47 17.23 16.90
N2 GDP B . -21.32 17.07 18.25
N3 GDP B . -21.04 16.24 16.09
C4 GDP B . -21.16 16.35 14.74
MG MG C . -15.72 13.75 5.53
P PO4 D . 19.64 -18.56 -2.50
O1 PO4 D . 19.59 -17.35 -3.40
O2 PO4 D . 18.82 -19.70 -3.04
O3 PO4 D . 21.07 -18.98 -2.26
O4 PO4 D . 19.04 -18.13 -1.17
#